data_2DEJ
#
_entry.id   2DEJ
#
_cell.length_a   105.945
_cell.length_b   38.997
_cell.length_c   81.188
_cell.angle_alpha   90.00
_cell.angle_beta   109.60
_cell.angle_gamma   90.00
#
_symmetry.space_group_name_H-M   'C 1 2 1'
#
loop_
_entity.id
_entity.type
_entity.pdbx_description
1 polymer 'Probable galactokinase'
2 non-polymer alpha-D-galactopyranose
3 non-polymer "{5'-O-[(R)-{[(S)-AMINO(HYDROXY-KAPPAO)PHOSPHORYL]OXY}(HYDROXY-KAPPAO)PHOSPHORYL]ADENOSINATO(2-)}MAGNESIUM"
4 water water
#
_entity_poly.entity_id   1
_entity_poly.type   'polypeptide(L)'
_entity_poly.pdbx_seq_one_letter_code
;MIKVKSPGRVNLIGEHTDYTYGYVMPMAINLYTKIEAEKHGEVILYSEHFGEERKFSLNDLRKENSWIDYVKGIFWVLKE
SDYEVGGIKGRVSGNLPLGAGLSSSASFEVGILETLDKLYNLKLDSLSKVLLAKKAENEFVGVPCGILDQFAVVFGREGN
VIFLDTHTLDYEYIPFPKDVSILVFYTGVRRELASSEYAERKHIAEESLKILGKGSSKEVREGELSKLPPLHRKFFGYIV
RENARVLEVRDALKEGNVEEVGKILTTAHWDLAKNYEVSCKELDFFVERALKLGAYGARLTGAGFGGSAIALVDKEDAET
IGEEILREYLKRFPWKARHFIVEPSDGVGI
;
_entity_poly.pdbx_strand_id   A
#
# COMPACT_ATOMS: atom_id res chain seq x y z
N MET A 1 -18.12 23.02 6.56
CA MET A 1 -16.90 22.24 6.91
C MET A 1 -17.22 20.76 6.84
N ILE A 2 -16.32 19.97 6.27
CA ILE A 2 -16.48 18.53 6.30
C ILE A 2 -15.21 17.85 6.80
N LYS A 3 -15.37 16.61 7.28
CA LYS A 3 -14.25 15.82 7.75
C LYS A 3 -14.21 14.51 6.97
N VAL A 4 -13.02 14.20 6.46
CA VAL A 4 -12.78 12.97 5.73
C VAL A 4 -11.73 12.17 6.51
N LYS A 5 -11.90 10.86 6.57
CA LYS A 5 -10.91 9.98 7.14
C LYS A 5 -10.50 8.99 6.05
N SER A 6 -9.22 9.00 5.71
CA SER A 6 -8.72 8.16 4.65
C SER A 6 -7.68 7.20 5.22
N PRO A 7 -7.95 5.90 5.14
CA PRO A 7 -7.07 4.94 5.79
C PRO A 7 -5.77 4.75 5.03
N GLY A 8 -4.78 4.20 5.72
CA GLY A 8 -3.64 3.59 5.05
C GLY A 8 -3.95 2.17 4.63
N ARG A 9 -2.92 1.44 4.26
CA ARG A 9 -3.11 0.07 3.81
C ARG A 9 -1.95 -0.84 4.17
N VAL A 10 -2.26 -2.12 4.34
CA VAL A 10 -1.20 -3.15 4.32
C VAL A 10 -1.60 -4.17 3.27
N ASN A 11 -0.60 -4.74 2.62
CA ASN A 11 -0.83 -5.81 1.67
C ASN A 11 -0.56 -7.10 2.41
N LEU A 12 -1.54 -8.01 2.41
CA LEU A 12 -1.40 -9.29 3.09
C LEU A 12 -0.43 -10.20 2.32
N ILE A 13 -0.68 -10.31 1.02
CA ILE A 13 0.08 -11.17 0.12
C ILE A 13 -0.18 -10.65 -1.31
N GLY A 14 0.72 -10.98 -2.23
CA GLY A 14 0.63 -10.42 -3.59
C GLY A 14 1.51 -9.18 -3.74
N GLU A 15 2.79 -9.36 -3.44
CA GLU A 15 3.76 -8.26 -3.45
C GLU A 15 4.55 -8.30 -4.75
N HIS A 16 4.72 -7.13 -5.35
CA HIS A 16 5.47 -7.00 -6.61
C HIS A 16 4.81 -7.80 -7.73
N THR A 17 3.48 -7.82 -7.69
CA THR A 17 2.67 -8.47 -8.72
C THR A 17 1.79 -7.48 -9.48
N ASP A 18 1.48 -6.33 -8.87
CA ASP A 18 0.49 -5.43 -9.51
C ASP A 18 0.96 -4.80 -10.83
N TYR A 19 2.26 -4.55 -10.96
CA TYR A 19 2.76 -3.94 -12.19
C TYR A 19 2.95 -4.93 -13.33
N THR A 20 2.74 -6.22 -13.07
CA THR A 20 2.55 -7.19 -14.16
C THR A 20 1.12 -7.71 -14.21
N TYR A 21 0.20 -6.98 -13.60
CA TYR A 21 -1.22 -7.31 -13.65
C TYR A 21 -1.55 -8.68 -13.06
N GLY A 22 -0.93 -8.97 -11.91
CA GLY A 22 -1.15 -10.19 -11.17
C GLY A 22 -2.20 -10.02 -10.07
N TYR A 23 -2.15 -10.94 -9.10
CA TYR A 23 -3.12 -10.91 -8.01
C TYR A 23 -2.56 -10.20 -6.77
N VAL A 24 -3.39 -9.46 -6.05
CA VAL A 24 -2.97 -8.81 -4.81
C VAL A 24 -4.03 -8.99 -3.76
N MET A 25 -3.66 -8.80 -2.49
CA MET A 25 -4.64 -8.95 -1.41
C MET A 25 -4.43 -7.99 -0.25
N PRO A 26 -4.74 -6.71 -0.48
CA PRO A 26 -4.56 -5.68 0.54
C PRO A 26 -5.78 -5.52 1.44
N MET A 27 -5.60 -4.73 2.50
CA MET A 27 -6.71 -4.29 3.33
C MET A 27 -6.43 -2.84 3.67
N ALA A 28 -7.50 -2.08 3.88
CA ALA A 28 -7.35 -0.77 4.48
C ALA A 28 -7.12 -1.03 5.96
N ILE A 29 -6.37 -0.14 6.61
CA ILE A 29 -6.09 -0.31 8.04
C ILE A 29 -6.61 0.89 8.82
N ASN A 30 -6.80 0.70 10.11
CA ASN A 30 -7.33 1.74 10.97
C ASN A 30 -6.26 2.71 11.49
N LEU A 31 -5.48 3.23 10.56
CA LEU A 31 -4.58 4.39 10.78
C LEU A 31 -4.89 5.31 9.62
N TYR A 32 -5.00 6.61 9.89
CA TYR A 32 -5.70 7.51 8.95
C TYR A 32 -4.99 8.81 8.66
N THR A 33 -5.22 9.31 7.47
CA THR A 33 -5.06 10.73 7.19
C THR A 33 -6.43 11.35 7.40
N LYS A 34 -6.49 12.41 8.19
CA LYS A 34 -7.74 13.13 8.44
C LYS A 34 -7.68 14.48 7.76
N ILE A 35 -8.74 14.85 7.06
CA ILE A 35 -8.82 16.16 6.42
C ILE A 35 -10.12 16.86 6.84
N GLU A 36 -10.00 18.07 7.35
CA GLU A 36 -11.16 18.86 7.75
C GLU A 36 -11.06 20.14 6.95
N ALA A 37 -12.04 20.40 6.10
CA ALA A 37 -11.93 21.49 5.14
C ALA A 37 -13.26 22.07 4.69
N GLU A 38 -13.19 23.28 4.14
CA GLU A 38 -14.31 23.98 3.56
C GLU A 38 -13.89 24.60 2.22
N LYS A 39 -14.86 25.06 1.45
CA LYS A 39 -14.58 25.71 0.19
C LYS A 39 -13.80 26.99 0.40
N HIS A 40 -12.97 27.33 -0.57
CA HIS A 40 -12.17 28.56 -0.53
C HIS A 40 -11.81 28.96 -1.97
N GLY A 41 -11.41 30.20 -2.15
CA GLY A 41 -10.99 30.68 -3.47
C GLY A 41 -9.62 30.16 -3.91
N GLU A 42 -8.76 29.83 -2.95
CA GLU A 42 -7.51 29.15 -3.30
C GLU A 42 -7.37 27.90 -2.47
N VAL A 43 -6.19 27.28 -2.49
CA VAL A 43 -5.98 26.05 -1.75
C VAL A 43 -5.00 26.32 -0.63
N ILE A 44 -5.48 26.20 0.60
CA ILE A 44 -4.70 26.50 1.80
C ILE A 44 -4.83 25.33 2.75
N LEU A 45 -3.73 24.65 3.02
CA LEU A 45 -3.76 23.47 3.89
C LEU A 45 -2.68 23.54 4.95
N TYR A 46 -3.09 23.33 6.20
CA TYR A 46 -2.14 23.20 7.28
C TYR A 46 -1.90 21.72 7.52
N SER A 47 -0.65 21.30 7.41
CA SER A 47 -0.25 19.92 7.73
C SER A 47 0.23 19.83 9.17
N GLU A 48 -0.51 19.11 10.00
CA GLU A 48 -0.05 18.87 11.37
C GLU A 48 1.28 18.16 11.40
N HIS A 49 1.51 17.20 10.49
CA HIS A 49 2.76 16.44 10.52
C HIS A 49 3.97 17.36 10.35
N PHE A 50 3.93 18.19 9.31
CA PHE A 50 5.00 19.11 8.99
C PHE A 50 4.99 20.38 9.83
N GLY A 51 3.87 20.64 10.53
CA GLY A 51 3.71 21.87 11.31
C GLY A 51 3.80 23.14 10.50
N GLU A 52 3.14 23.13 9.33
CA GLU A 52 3.23 24.25 8.42
C GLU A 52 2.04 24.33 7.47
N GLU A 53 1.76 25.55 7.02
CA GLU A 53 0.77 25.81 5.97
C GLU A 53 1.48 25.88 4.62
N ARG A 54 0.86 25.25 3.62
CA ARG A 54 1.27 25.48 2.24
C ARG A 54 0.02 25.81 1.44
N LYS A 55 0.18 26.66 0.44
CA LYS A 55 -0.97 27.12 -0.32
C LYS A 55 -0.60 27.32 -1.77
N PHE A 56 -1.62 27.30 -2.61
CA PHE A 56 -1.45 27.68 -3.99
C PHE A 56 -2.74 28.24 -4.56
N SER A 57 -2.59 29.15 -5.53
CA SER A 57 -3.73 29.53 -6.34
C SER A 57 -4.21 28.33 -7.18
N LEU A 58 -5.50 28.24 -7.47
CA LEU A 58 -6.00 27.26 -8.46
C LEU A 58 -5.31 27.37 -9.82
N ASN A 59 -4.81 28.55 -10.14
CA ASN A 59 -4.08 28.78 -11.37
C ASN A 59 -2.74 28.06 -11.39
N ASP A 60 -2.30 27.61 -10.22
CA ASP A 60 -0.90 27.29 -10.03
C ASP A 60 -0.70 25.83 -9.67
N LEU A 61 -0.65 24.97 -10.69
CA LEU A 61 -0.41 23.55 -10.46
C LEU A 61 1.04 23.21 -10.79
N ARG A 62 1.93 24.17 -10.63
CA ARG A 62 3.36 23.93 -10.85
C ARG A 62 3.91 23.07 -9.72
N LYS A 63 4.74 22.08 -10.05
CA LYS A 63 5.41 21.26 -9.05
C LYS A 63 6.36 22.11 -8.20
N GLU A 64 6.27 21.94 -6.88
CA GLU A 64 7.09 22.71 -5.95
C GLU A 64 8.10 21.83 -5.19
N ASN A 65 8.04 20.53 -5.44
CA ASN A 65 8.88 19.55 -4.75
C ASN A 65 8.73 19.59 -3.22
N SER A 66 7.48 19.54 -2.78
CA SER A 66 7.14 19.41 -1.38
C SER A 66 5.82 18.65 -1.30
N TRP A 67 5.34 18.38 -0.09
CA TRP A 67 4.11 17.64 0.13
C TRP A 67 2.89 18.23 -0.57
N ILE A 68 2.92 19.54 -0.81
CA ILE A 68 1.79 20.21 -1.47
C ILE A 68 1.57 19.63 -2.87
N ASP A 69 2.61 19.02 -3.46
CA ASP A 69 2.50 18.42 -4.79
C ASP A 69 1.46 17.31 -4.82
N TYR A 70 1.27 16.61 -3.70
CA TYR A 70 0.25 15.56 -3.67
C TYR A 70 -1.15 16.15 -3.81
N VAL A 71 -1.34 17.33 -3.24
CA VAL A 71 -2.58 18.08 -3.39
C VAL A 71 -2.73 18.63 -4.80
N LYS A 72 -1.70 19.31 -5.30
CA LYS A 72 -1.73 19.81 -6.69
C LYS A 72 -2.07 18.70 -7.69
N GLY A 73 -1.52 17.51 -7.47
CA GLY A 73 -1.73 16.40 -8.41
C GLY A 73 -3.19 16.02 -8.53
N ILE A 74 -3.95 16.11 -7.43
CA ILE A 74 -5.37 15.83 -7.49
C ILE A 74 -6.13 16.93 -8.24
N PHE A 75 -5.79 18.20 -7.96
CA PHE A 75 -6.37 19.29 -8.74
C PHE A 75 -6.06 19.14 -10.22
N TRP A 76 -4.83 18.73 -10.53
CA TRP A 76 -4.43 18.53 -11.92
C TRP A 76 -5.24 17.42 -12.61
N VAL A 77 -5.39 16.29 -11.93
CA VAL A 77 -6.06 15.15 -12.56
C VAL A 77 -7.55 15.44 -12.73
N LEU A 78 -8.12 16.22 -11.81
CA LEU A 78 -9.51 16.61 -11.97
C LEU A 78 -9.68 17.56 -13.15
N LYS A 79 -8.78 18.53 -13.28
CA LYS A 79 -8.82 19.45 -14.42
C LYS A 79 -8.65 18.70 -15.75
N GLU A 80 -7.72 17.74 -15.76
CA GLU A 80 -7.47 16.91 -16.95
C GLU A 80 -8.65 16.03 -17.33
N SER A 81 -9.52 15.75 -16.36
CA SER A 81 -10.72 14.95 -16.59
C SER A 81 -11.97 15.79 -16.77
N ASP A 82 -11.79 17.11 -16.93
CA ASP A 82 -12.89 18.06 -17.19
C ASP A 82 -13.84 18.36 -16.01
N TYR A 83 -13.35 18.13 -14.80
CA TYR A 83 -14.12 18.55 -13.64
C TYR A 83 -13.84 20.02 -13.36
N GLU A 84 -14.84 20.70 -12.84
CA GLU A 84 -14.65 22.03 -12.32
C GLU A 84 -14.78 21.90 -10.81
N VAL A 85 -13.68 22.22 -10.13
CA VAL A 85 -13.70 22.31 -8.68
C VAL A 85 -13.02 23.60 -8.32
N GLY A 86 -13.38 24.11 -7.15
CA GLY A 86 -12.80 25.33 -6.62
C GLY A 86 -11.81 24.94 -5.53
N GLY A 87 -11.38 25.96 -4.79
CA GLY A 87 -10.39 25.75 -3.75
C GLY A 87 -10.93 25.15 -2.48
N ILE A 88 -10.02 24.89 -1.55
CA ILE A 88 -10.35 24.40 -0.22
C ILE A 88 -9.43 25.04 0.79
N LYS A 89 -9.92 25.20 2.01
CA LYS A 89 -9.08 25.61 3.12
C LYS A 89 -9.30 24.62 4.23
N GLY A 90 -8.22 24.07 4.77
CA GLY A 90 -8.42 23.13 5.85
C GLY A 90 -7.15 22.63 6.48
N ARG A 91 -7.33 21.56 7.24
CA ARG A 91 -6.30 21.02 8.11
C ARG A 91 -6.13 19.53 7.85
N VAL A 92 -4.87 19.09 7.71
CA VAL A 92 -4.53 17.69 7.46
C VAL A 92 -3.83 17.13 8.69
N SER A 93 -4.41 16.08 9.25
CA SER A 93 -3.85 15.48 10.45
C SER A 93 -4.04 13.97 10.38
N GLY A 94 -4.13 13.32 11.55
CA GLY A 94 -4.28 11.85 11.56
C GLY A 94 -3.07 11.09 12.10
N ASN A 95 -3.26 9.79 12.30
CA ASN A 95 -2.25 8.95 12.96
C ASN A 95 -1.50 7.99 12.03
N LEU A 96 -1.71 8.10 10.72
CA LEU A 96 -0.97 7.27 9.78
C LEU A 96 0.48 7.77 9.70
N PRO A 97 1.49 6.93 10.04
CA PRO A 97 2.87 7.44 9.97
C PRO A 97 3.32 7.75 8.55
N LEU A 98 4.09 8.82 8.40
CA LEU A 98 4.48 9.27 7.07
C LEU A 98 5.70 8.52 6.58
N GLY A 99 5.61 8.00 5.35
CA GLY A 99 6.75 7.32 4.72
C GLY A 99 7.16 5.98 5.34
N ALA A 100 6.23 5.37 6.06
CA ALA A 100 6.44 4.10 6.75
C ALA A 100 6.15 2.90 5.86
N GLY A 101 5.68 3.15 4.65
CA GLY A 101 5.34 2.03 3.77
C GLY A 101 3.90 1.54 3.94
N LEU A 102 3.08 2.34 4.58
CA LEU A 102 1.65 2.06 4.77
C LEU A 102 0.77 2.90 3.86
N SER A 103 1.40 3.47 2.84
CA SER A 103 0.75 4.27 1.79
C SER A 103 0.23 5.64 2.23
N SER A 104 1.12 6.43 2.81
CA SER A 104 0.87 7.85 3.10
C SER A 104 0.36 8.58 1.87
N SER A 105 1.02 8.32 0.73
CA SER A 105 0.69 8.98 -0.54
C SER A 105 -0.76 8.72 -0.96
N ALA A 106 -1.14 7.44 -1.08
CA ALA A 106 -2.47 7.09 -1.55
C ALA A 106 -3.49 7.55 -0.53
N SER A 107 -3.21 7.34 0.75
CA SER A 107 -4.11 7.81 1.79
C SER A 107 -4.40 9.32 1.66
N PHE A 108 -3.35 10.11 1.52
CA PHE A 108 -3.47 11.56 1.41
C PHE A 108 -4.18 11.97 0.12
N GLU A 109 -3.74 11.40 -1.00
CA GLU A 109 -4.29 11.75 -2.33
C GLU A 109 -5.79 11.42 -2.43
N VAL A 110 -6.14 10.23 -1.97
CA VAL A 110 -7.53 9.79 -1.95
C VAL A 110 -8.32 10.65 -0.98
N GLY A 111 -7.72 11.02 0.15
CA GLY A 111 -8.39 11.89 1.11
C GLY A 111 -8.72 13.25 0.52
N ILE A 112 -7.76 13.87 -0.17
CA ILE A 112 -8.00 15.16 -0.87
C ILE A 112 -9.08 15.01 -1.94
N LEU A 113 -8.99 13.94 -2.72
CA LEU A 113 -9.97 13.67 -3.75
C LEU A 113 -11.36 13.54 -3.12
N GLU A 114 -11.46 12.85 -1.98
CA GLU A 114 -12.75 12.64 -1.33
C GLU A 114 -13.29 13.95 -0.77
N THR A 115 -12.39 14.81 -0.29
CA THR A 115 -12.78 16.13 0.23
C THR A 115 -13.41 16.96 -0.88
N LEU A 116 -12.78 16.97 -2.05
CA LEU A 116 -13.29 17.72 -3.19
C LEU A 116 -14.58 17.10 -3.72
N ASP A 117 -14.64 15.77 -3.73
CA ASP A 117 -15.83 15.05 -4.18
C ASP A 117 -17.04 15.49 -3.36
N LYS A 118 -16.86 15.55 -2.05
CA LYS A 118 -17.96 15.91 -1.16
C LYS A 118 -18.30 17.39 -1.18
N LEU A 119 -17.28 18.25 -1.10
CA LEU A 119 -17.50 19.70 -1.14
C LEU A 119 -18.13 20.17 -2.43
N TYR A 120 -17.68 19.61 -3.56
CA TYR A 120 -18.13 20.09 -4.87
C TYR A 120 -19.18 19.18 -5.52
N ASN A 121 -19.62 18.16 -4.77
CA ASN A 121 -20.72 17.29 -5.21
C ASN A 121 -20.41 16.60 -6.54
N LEU A 122 -19.21 16.05 -6.63
CA LEU A 122 -18.74 15.42 -7.86
C LEU A 122 -19.37 14.04 -8.11
N LYS A 123 -19.83 13.39 -7.04
CA LYS A 123 -20.47 12.07 -7.13
C LYS A 123 -19.61 11.03 -7.85
N LEU A 124 -18.33 11.01 -7.52
CA LEU A 124 -17.41 10.05 -8.13
C LEU A 124 -17.73 8.65 -7.65
N ASP A 125 -17.69 7.69 -8.57
CA ASP A 125 -17.78 6.28 -8.21
C ASP A 125 -16.43 5.84 -7.66
N SER A 126 -16.44 4.73 -6.93
CA SER A 126 -15.24 4.27 -6.24
C SER A 126 -14.08 3.97 -7.18
N LEU A 127 -14.37 3.30 -8.30
CA LEU A 127 -13.27 2.95 -9.20
C LEU A 127 -12.65 4.23 -9.81
N SER A 128 -13.48 5.22 -10.15
CA SER A 128 -12.93 6.49 -10.64
C SER A 128 -12.00 7.12 -9.61
N LYS A 129 -12.36 7.04 -8.33
CA LYS A 129 -11.47 7.61 -7.31
C LYS A 129 -10.08 6.93 -7.33
N VAL A 130 -10.08 5.60 -7.43
CA VAL A 130 -8.83 4.85 -7.55
C VAL A 130 -8.03 5.27 -8.77
N LEU A 131 -8.68 5.32 -9.91
CA LEU A 131 -7.95 5.64 -11.16
C LEU A 131 -7.41 7.06 -11.20
N LEU A 132 -8.21 8.00 -10.72
CA LEU A 132 -7.76 9.40 -10.65
C LEU A 132 -6.57 9.56 -9.69
N ALA A 133 -6.65 8.95 -8.51
CA ALA A 133 -5.55 9.03 -7.56
C ALA A 133 -4.28 8.39 -8.10
N LYS A 134 -4.41 7.25 -8.76
CA LYS A 134 -3.26 6.58 -9.38
C LYS A 134 -2.67 7.46 -10.47
N LYS A 135 -3.52 8.04 -11.31
CA LYS A 135 -3.02 8.89 -12.39
C LYS A 135 -2.30 10.13 -11.84
N ALA A 136 -2.86 10.74 -10.81
CA ALA A 136 -2.15 11.83 -10.16
C ALA A 136 -0.76 11.43 -9.64
N GLU A 137 -0.68 10.30 -8.93
CA GLU A 137 0.61 9.85 -8.42
C GLU A 137 1.59 9.56 -9.57
N ASN A 138 1.11 8.87 -10.61
CA ASN A 138 1.99 8.46 -11.70
C ASN A 138 2.47 9.61 -12.57
N GLU A 139 1.51 10.45 -12.97
CA GLU A 139 1.76 11.44 -14.02
C GLU A 139 2.11 12.82 -13.49
N PHE A 140 1.56 13.20 -12.34
CA PHE A 140 1.89 14.48 -11.76
C PHE A 140 3.04 14.39 -10.77
N VAL A 141 2.88 13.59 -9.73
CA VAL A 141 3.93 13.45 -8.74
C VAL A 141 5.13 12.75 -9.37
N GLY A 142 4.84 11.77 -10.22
CA GLY A 142 5.91 11.09 -10.97
C GLY A 142 6.48 9.87 -10.28
N VAL A 143 5.66 9.24 -9.47
CA VAL A 143 6.04 8.02 -8.74
C VAL A 143 5.33 6.86 -9.43
N PRO A 144 6.13 5.92 -9.98
N PRO A 144 6.06 5.83 -9.89
CA PRO A 144 5.59 4.75 -10.61
CA PRO A 144 5.42 4.77 -10.74
C PRO A 144 4.98 3.91 -9.52
C PRO A 144 4.74 3.56 -10.06
N CYS A 145 3.93 3.21 -9.88
N CYS A 145 3.76 3.79 -9.18
CA CYS A 145 3.27 2.42 -8.89
CA CYS A 145 3.03 2.70 -8.48
C CYS A 145 2.22 1.68 -9.66
C CYS A 145 2.02 1.92 -9.35
N GLY A 146 1.76 0.63 -9.02
CA GLY A 146 0.66 -0.15 -9.57
C GLY A 146 -0.59 0.33 -8.88
N ILE A 147 -1.62 -0.50 -8.81
CA ILE A 147 -2.92 -0.04 -8.36
C ILE A 147 -3.25 -0.39 -6.91
N LEU A 148 -2.41 -1.24 -6.33
CA LEU A 148 -2.57 -1.78 -5.00
C LEU A 148 -3.02 -0.79 -3.92
N ASP A 149 -2.30 0.30 -3.80
CA ASP A 149 -2.43 1.21 -2.66
C ASP A 149 -3.74 1.96 -2.76
N GLN A 150 -3.97 2.53 -3.94
CA GLN A 150 -5.19 3.29 -4.17
C GLN A 150 -6.43 2.41 -4.06
N PHE A 151 -6.34 1.19 -4.57
CA PHE A 151 -7.50 0.33 -4.51
C PHE A 151 -7.87 0.01 -3.05
N ALA A 152 -6.87 -0.33 -2.26
CA ALA A 152 -7.11 -0.63 -0.85
C ALA A 152 -7.75 0.54 -0.09
N VAL A 153 -7.20 1.75 -0.31
CA VAL A 153 -7.63 2.91 0.45
C VAL A 153 -9.08 3.28 0.14
N VAL A 154 -9.51 3.01 -1.09
CA VAL A 154 -10.88 3.30 -1.48
C VAL A 154 -11.84 2.15 -1.13
N PHE A 155 -11.44 0.93 -1.50
CA PHE A 155 -12.32 -0.23 -1.47
C PHE A 155 -12.34 -1.01 -0.16
N GLY A 156 -11.50 -0.64 0.80
CA GLY A 156 -11.45 -1.38 2.06
C GLY A 156 -12.82 -1.58 2.69
N ARG A 157 -13.02 -2.73 3.32
CA ARG A 157 -14.25 -3.01 4.09
C ARG A 157 -13.86 -3.59 5.43
N GLU A 158 -14.46 -3.08 6.50
CA GLU A 158 -14.13 -3.51 7.87
C GLU A 158 -14.20 -5.04 7.99
N GLY A 159 -13.20 -5.65 8.60
CA GLY A 159 -13.18 -7.10 8.78
C GLY A 159 -12.84 -7.93 7.58
N ASN A 160 -12.53 -7.28 6.45
CA ASN A 160 -12.24 -7.98 5.21
C ASN A 160 -10.93 -7.55 4.59
N VAL A 161 -10.29 -8.50 3.92
CA VAL A 161 -9.25 -8.20 2.94
C VAL A 161 -9.90 -8.22 1.55
N ILE A 162 -9.20 -7.63 0.58
CA ILE A 162 -9.67 -7.52 -0.80
C ILE A 162 -8.82 -8.43 -1.66
N PHE A 163 -9.42 -9.45 -2.26
CA PHE A 163 -8.68 -10.20 -3.29
C PHE A 163 -8.94 -9.49 -4.60
N LEU A 164 -7.87 -9.03 -5.26
CA LEU A 164 -8.01 -8.23 -6.46
C LEU A 164 -7.20 -8.82 -7.62
N ASP A 165 -7.87 -8.97 -8.76
CA ASP A 165 -7.19 -9.28 -10.01
C ASP A 165 -6.87 -7.93 -10.63
N THR A 166 -5.59 -7.57 -10.65
CA THR A 166 -5.23 -6.22 -11.11
C THR A 166 -5.28 -6.08 -12.63
N HIS A 167 -5.49 -7.19 -13.33
CA HIS A 167 -5.63 -7.11 -14.78
C HIS A 167 -7.05 -6.73 -15.16
N THR A 168 -8.04 -7.37 -14.54
CA THR A 168 -9.45 -7.17 -14.89
C THR A 168 -10.13 -6.17 -13.96
N LEU A 169 -9.53 -5.95 -12.79
CA LEU A 169 -10.14 -5.19 -11.69
C LEU A 169 -11.34 -5.85 -11.03
N ASP A 170 -11.52 -7.16 -11.28
CA ASP A 170 -12.48 -7.96 -10.51
C ASP A 170 -11.91 -8.20 -9.11
N TYR A 171 -12.76 -8.09 -8.11
CA TYR A 171 -12.32 -8.24 -6.75
C TYR A 171 -13.39 -8.93 -5.91
N GLU A 172 -13.00 -9.41 -4.75
CA GLU A 172 -13.95 -9.97 -3.81
C GLU A 172 -13.45 -9.72 -2.40
N TYR A 173 -14.39 -9.52 -1.49
CA TYR A 173 -14.04 -9.39 -0.10
C TYR A 173 -13.93 -10.73 0.57
N ILE A 174 -12.86 -10.92 1.33
CA ILE A 174 -12.65 -12.15 2.07
C ILE A 174 -12.54 -11.82 3.55
N PRO A 175 -13.36 -12.45 4.40
CA PRO A 175 -13.27 -12.17 5.82
C PRO A 175 -11.90 -12.51 6.42
N PHE A 176 -11.48 -11.67 7.34
CA PHE A 176 -10.25 -11.88 8.05
C PHE A 176 -10.62 -12.43 9.43
N PRO A 177 -9.88 -13.44 9.92
CA PRO A 177 -10.29 -14.10 11.17
C PRO A 177 -10.38 -13.20 12.41
N LYS A 178 -11.39 -13.48 13.22
CA LYS A 178 -11.59 -12.85 14.52
C LYS A 178 -10.38 -13.16 15.43
N ASP A 179 -9.97 -12.16 16.20
CA ASP A 179 -8.91 -12.34 17.21
C ASP A 179 -7.56 -12.83 16.63
N VAL A 180 -7.38 -12.63 15.34
CA VAL A 180 -6.05 -12.53 14.75
C VAL A 180 -5.79 -11.06 14.51
N SER A 181 -4.68 -10.57 15.04
CA SER A 181 -4.29 -9.19 14.85
C SER A 181 -3.19 -9.08 13.80
N ILE A 182 -3.16 -7.96 13.07
CA ILE A 182 -2.00 -7.59 12.26
C ILE A 182 -1.10 -6.67 13.07
N LEU A 183 0.06 -7.21 13.45
CA LEU A 183 1.10 -6.43 14.10
C LEU A 183 1.94 -5.80 12.99
N VAL A 184 1.93 -4.47 12.92
CA VAL A 184 2.71 -3.73 11.94
C VAL A 184 3.98 -3.22 12.62
N PHE A 185 5.12 -3.50 11.99
CA PHE A 185 6.40 -3.05 12.55
C PHE A 185 7.10 -2.15 11.55
N TYR A 186 7.18 -0.86 11.86
CA TYR A 186 7.90 0.10 11.03
C TYR A 186 9.37 0.08 11.47
N THR A 187 10.25 -0.25 10.52
CA THR A 187 11.71 -0.35 10.78
C THR A 187 12.36 0.97 11.15
N GLY A 188 11.73 2.08 10.79
CA GLY A 188 12.34 3.40 10.99
C GLY A 188 13.20 3.80 9.80
N VAL A 189 13.17 2.96 8.76
CA VAL A 189 13.89 3.23 7.49
C VAL A 189 12.85 3.71 6.47
N ARG A 190 12.94 4.98 6.07
CA ARG A 190 11.91 5.60 5.19
C ARG A 190 11.70 4.88 3.87
N SER A 195 13.34 3.93 -4.13
CA SER A 195 12.52 4.16 -5.33
C SER A 195 13.22 3.79 -6.65
N SER A 196 14.54 4.00 -6.73
CA SER A 196 15.27 3.61 -7.94
C SER A 196 15.23 2.09 -8.13
N GLU A 197 15.32 1.36 -7.02
CA GLU A 197 15.23 -0.10 -7.03
C GLU A 197 13.85 -0.57 -7.49
N TYR A 198 12.81 0.11 -7.02
CA TYR A 198 11.44 -0.20 -7.43
C TYR A 198 11.27 -0.03 -8.94
N ALA A 199 11.74 1.10 -9.46
CA ALA A 199 11.63 1.41 -10.87
C ALA A 199 12.33 0.35 -11.74
N GLU A 200 13.50 -0.09 -11.28
CA GLU A 200 14.26 -1.15 -11.96
C GLU A 200 13.49 -2.46 -12.03
N ARG A 201 12.95 -2.91 -10.89
CA ARG A 201 12.15 -4.13 -10.86
C ARG A 201 10.96 -4.01 -11.81
N LYS A 202 10.29 -2.86 -11.76
CA LYS A 202 9.13 -2.65 -12.61
C LYS A 202 9.52 -2.73 -14.09
N HIS A 203 10.61 -2.04 -14.44
CA HIS A 203 11.11 -2.05 -15.81
C HIS A 203 11.45 -3.44 -16.31
N ILE A 204 12.18 -4.21 -15.50
CA ILE A 204 12.58 -5.58 -15.87
C ILE A 204 11.35 -6.48 -16.05
N ALA A 205 10.39 -6.36 -15.13
CA ALA A 205 9.17 -7.14 -15.24
C ALA A 205 8.37 -6.86 -16.49
N GLU A 206 8.27 -5.57 -16.84
CA GLU A 206 7.51 -5.16 -18.02
C GLU A 206 8.17 -5.68 -19.30
N GLU A 207 9.49 -5.60 -19.32
CA GLU A 207 10.30 -6.15 -20.42
C GLU A 207 10.10 -7.67 -20.54
N SER A 208 10.08 -8.35 -19.39
CA SER A 208 9.84 -9.79 -19.38
C SER A 208 8.51 -10.17 -19.98
N LEU A 209 7.45 -9.43 -19.65
CA LEU A 209 6.15 -9.68 -20.26
C LEU A 209 6.22 -9.58 -21.79
N LYS A 210 6.95 -8.59 -22.29
CA LYS A 210 7.07 -8.42 -23.75
C LYS A 210 7.85 -9.57 -24.38
N ILE A 211 8.93 -9.99 -23.72
CA ILE A 211 9.70 -11.14 -24.19
C ILE A 211 8.80 -12.37 -24.27
N LEU A 212 7.98 -12.58 -23.24
CA LEU A 212 7.09 -13.73 -23.16
C LEU A 212 5.86 -13.61 -24.05
N GLY A 213 5.58 -12.40 -24.52
CA GLY A 213 4.42 -12.13 -25.37
C GLY A 213 3.11 -12.20 -24.60
N LYS A 214 3.16 -11.86 -23.31
CA LYS A 214 2.00 -12.00 -22.43
C LYS A 214 1.62 -10.63 -21.84
N GLY A 215 0.35 -10.45 -21.52
CA GLY A 215 -0.14 -9.17 -21.00
C GLY A 215 -0.22 -9.12 -19.49
N SER A 216 -0.13 -10.28 -18.86
CA SER A 216 -0.24 -10.41 -17.41
C SER A 216 0.64 -11.56 -16.94
N SER A 217 1.19 -11.45 -15.73
CA SER A 217 1.93 -12.56 -15.13
C SER A 217 1.03 -13.74 -14.75
N LYS A 218 -0.28 -13.52 -14.66
CA LYS A 218 -1.24 -14.61 -14.41
C LYS A 218 -1.14 -15.70 -15.48
N GLU A 219 -0.74 -15.28 -16.68
CA GLU A 219 -0.69 -16.13 -17.87
C GLU A 219 0.63 -16.90 -17.98
N VAL A 220 1.54 -16.68 -17.05
CA VAL A 220 2.90 -17.22 -17.14
C VAL A 220 3.11 -18.38 -16.18
N ARG A 221 3.73 -19.44 -16.70
CA ARG A 221 4.08 -20.63 -15.93
C ARG A 221 5.57 -20.73 -15.72
N GLU A 222 5.96 -21.45 -14.66
CA GLU A 222 7.36 -21.73 -14.33
C GLU A 222 8.17 -22.13 -15.57
N GLY A 223 7.59 -22.99 -16.42
CA GLY A 223 8.29 -23.54 -17.59
C GLY A 223 8.81 -22.51 -18.58
N GLU A 224 8.03 -21.45 -18.77
CA GLU A 224 8.31 -20.42 -19.77
C GLU A 224 9.50 -19.54 -19.44
N LEU A 225 9.92 -19.52 -18.18
CA LEU A 225 10.92 -18.57 -17.74
C LEU A 225 12.32 -18.81 -18.26
N SER A 226 12.59 -20.03 -18.73
CA SER A 226 13.87 -20.34 -19.38
C SER A 226 14.10 -19.46 -20.60
N LYS A 227 13.00 -18.97 -21.17
CA LYS A 227 13.06 -18.06 -22.31
C LYS A 227 13.57 -16.66 -21.93
N LEU A 228 13.57 -16.35 -20.64
CA LEU A 228 14.01 -15.06 -20.15
C LEU A 228 15.50 -15.04 -19.83
N PRO A 229 16.15 -13.87 -19.97
CA PRO A 229 17.53 -13.64 -19.53
C PRO A 229 17.66 -13.95 -18.03
N PRO A 230 18.85 -14.38 -17.57
CA PRO A 230 19.05 -14.82 -16.17
C PRO A 230 18.44 -13.90 -15.10
N LEU A 231 18.70 -12.59 -15.16
CA LEU A 231 18.16 -11.68 -14.15
C LEU A 231 16.65 -11.52 -14.23
N HIS A 232 16.12 -11.30 -15.44
CA HIS A 232 14.68 -11.30 -15.70
C HIS A 232 14.04 -12.56 -15.13
N ARG A 233 14.69 -13.70 -15.38
CA ARG A 233 14.23 -15.04 -15.02
C ARG A 233 14.14 -15.22 -13.51
N LYS A 234 15.18 -14.78 -12.81
CA LYS A 234 15.24 -14.82 -11.34
C LYS A 234 14.07 -14.04 -10.74
N PHE A 235 13.93 -12.79 -11.17
CA PHE A 235 12.87 -11.93 -10.66
C PHE A 235 11.50 -12.42 -11.03
N PHE A 236 11.31 -12.79 -12.29
CA PHE A 236 9.99 -13.23 -12.73
C PHE A 236 9.57 -14.56 -12.09
N GLY A 237 10.54 -15.39 -11.70
CA GLY A 237 10.21 -16.63 -11.00
C GLY A 237 9.50 -16.35 -9.69
N TYR A 238 9.96 -15.30 -9.00
CA TYR A 238 9.31 -14.84 -7.79
C TYR A 238 7.85 -14.47 -8.07
N ILE A 239 7.62 -13.70 -9.14
CA ILE A 239 6.29 -13.17 -9.46
C ILE A 239 5.27 -14.29 -9.71
N VAL A 240 5.70 -15.30 -10.46
CA VAL A 240 4.88 -16.47 -10.73
C VAL A 240 4.55 -17.23 -9.43
N ARG A 241 5.54 -17.48 -8.59
CA ARG A 241 5.29 -18.13 -7.32
C ARG A 241 4.34 -17.28 -6.45
N GLU A 242 4.54 -15.96 -6.48
CA GLU A 242 3.71 -15.05 -5.69
C GLU A 242 2.23 -15.06 -6.12
N ASN A 243 1.97 -15.01 -7.41
CA ASN A 243 0.59 -15.15 -7.87
C ASN A 243 -0.07 -16.41 -7.33
N ALA A 244 0.63 -17.53 -7.45
CA ALA A 244 0.15 -18.81 -6.89
C ALA A 244 -0.11 -18.72 -5.39
N ARG A 245 0.77 -18.03 -4.66
CA ARG A 245 0.57 -17.88 -3.22
C ARG A 245 -0.69 -17.07 -2.90
N VAL A 246 -1.00 -16.06 -3.70
CA VAL A 246 -2.22 -15.27 -3.44
C VAL A 246 -3.46 -16.16 -3.50
N LEU A 247 -3.52 -17.02 -4.52
CA LEU A 247 -4.64 -17.95 -4.66
C LEU A 247 -4.70 -18.97 -3.51
N GLU A 248 -3.54 -19.42 -3.04
CA GLU A 248 -3.44 -20.28 -1.86
C GLU A 248 -3.97 -19.57 -0.61
N VAL A 249 -3.59 -18.31 -0.41
CA VAL A 249 -4.07 -17.59 0.75
C VAL A 249 -5.57 -17.36 0.69
N ARG A 250 -6.08 -17.06 -0.50
CA ARG A 250 -7.54 -16.90 -0.70
C ARG A 250 -8.29 -18.15 -0.24
N ASP A 251 -7.82 -19.31 -0.67
CA ASP A 251 -8.48 -20.57 -0.30
C ASP A 251 -8.38 -20.80 1.21
N ALA A 252 -7.20 -20.54 1.77
CA ALA A 252 -6.98 -20.81 3.19
C ALA A 252 -7.80 -19.87 4.06
N LEU A 253 -7.88 -18.60 3.70
CA LEU A 253 -8.72 -17.65 4.44
C LEU A 253 -10.20 -18.01 4.36
N LYS A 254 -10.65 -18.47 3.20
CA LYS A 254 -12.06 -18.84 3.01
C LYS A 254 -12.44 -20.07 3.85
N GLU A 255 -11.44 -20.78 4.32
CA GLU A 255 -11.61 -21.87 5.27
C GLU A 255 -11.33 -21.45 6.71
N GLY A 256 -10.82 -20.24 6.90
CA GLY A 256 -10.43 -19.75 8.22
C GLY A 256 -9.14 -20.35 8.74
N ASN A 257 -8.37 -20.95 7.84
CA ASN A 257 -7.12 -21.63 8.17
C ASN A 257 -5.97 -20.63 8.24
N VAL A 258 -5.88 -19.95 9.38
CA VAL A 258 -4.88 -18.89 9.55
C VAL A 258 -3.48 -19.46 9.71
N GLU A 259 -3.39 -20.69 10.22
CA GLU A 259 -2.10 -21.36 10.31
C GLU A 259 -1.46 -21.53 8.92
N GLU A 260 -2.26 -21.92 7.92
CA GLU A 260 -1.76 -22.06 6.56
C GLU A 260 -1.45 -20.70 5.94
N VAL A 261 -2.33 -19.73 6.18
CA VAL A 261 -2.08 -18.37 5.68
C VAL A 261 -0.71 -17.91 6.19
N GLY A 262 -0.46 -18.08 7.47
CA GLY A 262 0.81 -17.66 8.07
C GLY A 262 2.03 -18.29 7.42
N LYS A 263 1.96 -19.61 7.22
CA LYS A 263 3.03 -20.36 6.55
C LYS A 263 3.34 -19.80 5.17
N ILE A 264 2.30 -19.45 4.43
CA ILE A 264 2.45 -18.94 3.07
C ILE A 264 3.11 -17.56 3.12
N LEU A 265 2.70 -16.72 4.07
CA LEU A 265 3.31 -15.40 4.19
C LEU A 265 4.81 -15.49 4.44
N THR A 266 5.19 -16.43 5.29
CA THR A 266 6.58 -16.61 5.64
C THR A 266 7.39 -17.07 4.42
N THR A 267 6.86 -18.04 3.69
CA THR A 267 7.49 -18.50 2.45
C THR A 267 7.66 -17.33 1.50
N ALA A 268 6.63 -16.51 1.42
CA ALA A 268 6.67 -15.37 0.53
C ALA A 268 7.77 -14.38 0.92
N HIS A 269 7.91 -14.14 2.23
CA HIS A 269 8.93 -13.23 2.71
C HIS A 269 10.33 -13.66 2.24
N TRP A 270 10.67 -14.93 2.47
CA TRP A 270 12.01 -15.39 2.12
C TRP A 270 12.21 -15.43 0.61
N ASP A 271 11.14 -15.68 -0.14
CA ASP A 271 11.19 -15.55 -1.61
C ASP A 271 11.52 -14.10 -2.00
N LEU A 272 10.79 -13.11 -1.45
CA LEU A 272 11.16 -11.69 -1.65
C LEU A 272 12.59 -11.38 -1.29
N ALA A 273 13.05 -11.87 -0.14
CA ALA A 273 14.37 -11.54 0.39
C ALA A 273 15.49 -12.15 -0.44
N LYS A 274 15.32 -13.42 -0.79
CA LYS A 274 16.40 -14.18 -1.43
C LYS A 274 16.40 -14.07 -2.94
N ASN A 275 15.21 -14.05 -3.55
CA ASN A 275 15.13 -14.07 -5.00
C ASN A 275 14.80 -12.72 -5.63
N TYR A 276 13.82 -12.01 -5.07
CA TYR A 276 13.50 -10.67 -5.58
C TYR A 276 14.48 -9.62 -5.07
N GLU A 277 15.18 -9.96 -3.98
CA GLU A 277 16.21 -9.12 -3.39
C GLU A 277 15.71 -7.73 -2.96
N VAL A 278 14.55 -7.70 -2.29
CA VAL A 278 13.97 -6.42 -1.88
C VAL A 278 13.77 -6.29 -0.36
N SER A 279 14.35 -7.19 0.41
CA SER A 279 14.31 -7.07 1.88
C SER A 279 15.56 -6.37 2.39
N CYS A 280 15.74 -6.34 3.71
CA CYS A 280 16.95 -5.82 4.34
C CYS A 280 17.05 -6.48 5.69
N LYS A 281 18.18 -6.33 6.36
CA LYS A 281 18.38 -7.06 7.61
C LYS A 281 17.41 -6.62 8.72
N GLU A 282 16.99 -5.35 8.68
CA GLU A 282 15.98 -4.85 9.63
C GLU A 282 14.64 -5.57 9.48
N LEU A 283 14.17 -5.74 8.25
CA LEU A 283 12.89 -6.46 8.00
C LEU A 283 13.04 -7.93 8.35
N ASP A 284 14.17 -8.52 7.98
CA ASP A 284 14.40 -9.95 8.21
C ASP A 284 14.48 -10.22 9.70
N PHE A 285 15.05 -9.28 10.45
CA PHE A 285 15.12 -9.41 11.90
C PHE A 285 13.72 -9.50 12.48
N PHE A 286 12.87 -8.55 12.12
CA PHE A 286 11.50 -8.58 12.62
C PHE A 286 10.80 -9.90 12.27
N VAL A 287 10.89 -10.32 11.02
CA VAL A 287 10.21 -11.56 10.59
C VAL A 287 10.70 -12.76 11.39
N GLU A 288 12.01 -12.93 11.49
CA GLU A 288 12.51 -14.08 12.24
C GLU A 288 12.09 -14.07 13.72
N ARG A 289 12.20 -12.92 14.39
CA ARG A 289 11.83 -12.85 15.79
C ARG A 289 10.33 -13.02 16.00
N ALA A 290 9.53 -12.44 15.13
CA ALA A 290 8.07 -12.60 15.25
C ALA A 290 7.69 -14.07 15.19
N LEU A 291 8.33 -14.82 14.29
CA LEU A 291 8.10 -16.26 14.17
C LEU A 291 8.49 -16.99 15.45
N LYS A 292 9.66 -16.68 16.02
CA LYS A 292 10.08 -17.33 17.25
C LYS A 292 9.15 -17.03 18.41
N LEU A 293 8.57 -15.83 18.40
CA LEU A 293 7.64 -15.40 19.46
C LEU A 293 6.18 -15.82 19.24
N GLY A 294 5.93 -16.59 18.20
CA GLY A 294 4.64 -17.26 18.06
C GLY A 294 3.73 -16.81 16.93
N ALA A 295 4.15 -15.82 16.14
CA ALA A 295 3.35 -15.41 14.99
C ALA A 295 3.04 -16.59 14.09
N TYR A 296 1.84 -16.60 13.52
CA TYR A 296 1.47 -17.58 12.49
C TYR A 296 2.39 -17.45 11.28
N GLY A 297 2.73 -16.21 10.96
CA GLY A 297 3.63 -15.92 9.87
C GLY A 297 3.93 -14.44 9.88
N ALA A 298 4.91 -14.06 9.06
CA ALA A 298 5.31 -12.66 9.00
C ALA A 298 5.97 -12.39 7.65
N ARG A 299 5.91 -11.14 7.21
CA ARG A 299 6.38 -10.77 5.87
C ARG A 299 6.56 -9.28 5.80
N LEU A 300 7.52 -8.81 5.00
CA LEU A 300 7.50 -7.38 4.71
C LEU A 300 6.20 -7.02 3.99
N THR A 301 5.78 -5.76 4.07
CA THR A 301 4.64 -5.32 3.28
C THR A 301 5.03 -4.10 2.45
N GLY A 302 4.39 -3.96 1.29
CA GLY A 302 4.75 -2.90 0.36
C GLY A 302 5.99 -3.20 -0.44
N ALA A 303 6.71 -2.14 -0.82
CA ALA A 303 7.83 -2.23 -1.77
C ALA A 303 9.05 -2.98 -1.24
N GLY A 304 9.35 -2.82 0.06
CA GLY A 304 10.55 -3.40 0.64
C GLY A 304 11.64 -2.34 0.80
N PHE A 305 12.89 -2.80 0.92
CA PHE A 305 14.08 -1.94 1.21
C PHE A 305 13.86 -0.95 2.35
N GLY A 306 13.25 -1.42 3.43
CA GLY A 306 12.90 -0.56 4.55
C GLY A 306 11.40 -0.61 4.75
N GLY A 307 10.84 0.47 5.29
CA GLY A 307 9.40 0.55 5.49
C GLY A 307 8.98 -0.40 6.59
N SER A 308 7.83 -1.05 6.39
CA SER A 308 7.24 -1.86 7.42
C SER A 308 7.09 -3.34 7.06
N ALA A 309 6.93 -4.13 8.10
CA ALA A 309 6.57 -5.53 7.98
C ALA A 309 5.32 -5.83 8.80
N ILE A 310 4.73 -6.97 8.52
CA ILE A 310 3.56 -7.41 9.27
C ILE A 310 3.77 -8.79 9.85
N ALA A 311 3.11 -9.02 10.97
CA ALA A 311 3.04 -10.36 11.56
C ALA A 311 1.60 -10.66 11.91
N LEU A 312 1.17 -11.88 11.59
CA LEU A 312 -0.16 -12.36 12.00
C LEU A 312 -0.08 -13.02 13.36
N VAL A 313 -0.78 -12.48 14.34
CA VAL A 313 -0.59 -12.92 15.72
C VAL A 313 -1.93 -13.00 16.43
N ASP A 314 -2.02 -13.87 17.44
CA ASP A 314 -3.20 -13.87 18.30
C ASP A 314 -3.43 -12.47 18.89
N LYS A 315 -4.67 -12.01 18.87
CA LYS A 315 -5.02 -10.68 19.38
C LYS A 315 -4.47 -10.40 20.78
N GLU A 316 -4.60 -11.38 21.67
CA GLU A 316 -4.23 -11.20 23.08
C GLU A 316 -2.72 -11.09 23.29
N ASP A 317 -1.94 -11.55 22.31
CA ASP A 317 -0.49 -11.54 22.40
C ASP A 317 0.20 -10.48 21.53
N ALA A 318 -0.58 -9.76 20.73
CA ALA A 318 -0.04 -8.76 19.80
C ALA A 318 0.80 -7.68 20.48
N GLU A 319 0.32 -7.15 21.60
CA GLU A 319 1.02 -6.07 22.30
C GLU A 319 2.34 -6.56 22.88
N THR A 320 2.30 -7.68 23.58
CA THR A 320 3.50 -8.30 24.16
C THR A 320 4.54 -8.60 23.08
N ILE A 321 4.12 -9.20 21.96
CA ILE A 321 5.09 -9.54 20.91
C ILE A 321 5.71 -8.27 20.30
N GLY A 322 4.88 -7.25 20.04
CA GLY A 322 5.39 -6.00 19.48
C GLY A 322 6.40 -5.36 20.42
N GLU A 323 6.07 -5.36 21.71
CA GLU A 323 6.94 -4.76 22.73
C GLU A 323 8.27 -5.50 22.85
N GLU A 324 8.22 -6.83 22.89
CA GLU A 324 9.44 -7.63 23.02
C GLU A 324 10.35 -7.43 21.81
N ILE A 325 9.78 -7.48 20.61
CA ILE A 325 10.61 -7.28 19.40
C ILE A 325 11.16 -5.89 19.31
N LEU A 326 10.34 -4.89 19.65
CA LEU A 326 10.82 -3.52 19.59
C LEU A 326 12.02 -3.32 20.51
N ARG A 327 11.94 -3.82 21.74
CA ARG A 327 13.06 -3.65 22.67
C ARG A 327 14.34 -4.31 22.13
N GLU A 328 14.22 -5.54 21.60
CA GLU A 328 15.34 -6.23 21.00
C GLU A 328 15.89 -5.43 19.82
N TYR A 329 15.00 -4.94 18.97
CA TYR A 329 15.39 -4.25 17.75
C TYR A 329 16.18 -3.00 18.06
N LEU A 330 15.75 -2.25 19.07
CA LEU A 330 16.37 -0.96 19.35
C LEU A 330 17.76 -1.13 19.94
N LYS A 331 18.06 -2.33 20.48
CA LYS A 331 19.43 -2.63 20.93
C LYS A 331 20.34 -2.87 19.73
N ARG A 332 19.74 -3.25 18.61
CA ARG A 332 20.52 -3.67 17.45
C ARG A 332 20.64 -2.63 16.34
N PHE A 333 19.63 -1.78 16.22
CA PHE A 333 19.53 -0.82 15.11
C PHE A 333 19.23 0.60 15.63
N PRO A 334 19.76 1.65 14.96
CA PRO A 334 19.64 3.04 15.45
C PRO A 334 18.32 3.77 15.12
N TRP A 335 17.47 3.15 14.31
CA TRP A 335 16.31 3.84 13.77
C TRP A 335 15.16 3.96 14.78
N LYS A 336 14.28 4.94 14.52
CA LYS A 336 13.10 5.16 15.35
C LYS A 336 11.95 4.22 14.92
N ALA A 337 12.14 2.94 15.22
CA ALA A 337 11.17 1.89 14.90
C ALA A 337 9.92 2.06 15.77
N ARG A 338 8.79 1.62 15.23
CA ARG A 338 7.51 1.75 15.94
C ARG A 338 6.69 0.53 15.61
N HIS A 339 5.78 0.14 16.51
CA HIS A 339 4.82 -0.92 16.20
C HIS A 339 3.40 -0.42 16.37
N PHE A 340 2.50 -1.02 15.60
CA PHE A 340 1.08 -0.68 15.64
C PHE A 340 0.30 -1.97 15.56
N ILE A 341 -0.83 -2.04 16.22
CA ILE A 341 -1.74 -3.16 16.03
C ILE A 341 -2.92 -2.64 15.21
N VAL A 342 -3.16 -3.25 14.05
CA VAL A 342 -4.18 -2.76 13.15
C VAL A 342 -5.17 -3.84 12.81
N GLU A 343 -6.33 -3.40 12.36
CA GLU A 343 -7.34 -4.32 11.87
C GLU A 343 -7.84 -3.85 10.49
N PRO A 344 -8.40 -4.79 9.71
CA PRO A 344 -8.91 -4.46 8.38
C PRO A 344 -10.09 -3.53 8.55
N SER A 345 -10.08 -2.44 7.79
CA SER A 345 -10.99 -1.33 8.03
C SER A 345 -11.71 -0.90 6.75
N ASP A 346 -12.69 -0.01 6.90
CA ASP A 346 -13.41 0.57 5.77
C ASP A 346 -12.51 1.52 5.01
N GLY A 347 -12.79 1.70 3.72
CA GLY A 347 -12.06 2.67 2.88
C GLY A 347 -12.44 4.11 3.18
N VAL A 348 -11.95 5.01 2.34
CA VAL A 348 -12.09 6.46 2.58
C VAL A 348 -13.56 6.84 2.74
N GLY A 349 -13.84 7.74 3.69
CA GLY A 349 -15.19 8.23 3.89
C GLY A 349 -15.24 9.46 4.75
N ILE A 350 -16.40 10.11 4.78
CA ILE A 350 -16.66 11.20 5.70
C ILE A 350 -17.15 10.59 7.01
#